data_8I6C
#
_entry.id   8I6C
#
_cell.length_a   46.510
_cell.length_b   59.920
_cell.length_c   75.140
_cell.angle_alpha   90.00
_cell.angle_beta   90.00
_cell.angle_gamma   90.00
#
_symmetry.space_group_name_H-M   'P 21 21 21'
#
loop_
_entity.id
_entity.type
_entity.pdbx_description
1 polymer 'Uracil-DNA glycosylase'
2 non-polymer 6-[bis(oxidanyl)methyl]-5~{H}-pyrimidine-2,4-dione
3 water water
#
_entity_poly.entity_id   1
_entity_poly.type   'polypeptide(L)'
_entity_poly.pdbx_seq_one_letter_code
;MHHHHHHGMASMTARPLSELVERGWAAALEPVADQVAHMGQFLRAEIAAGRRYLPAGSNVLRAFTFPFDNVRVLIVGQDP
YPTPGHAVGLSFSVAPDVRPWPRSLANIFDEYTADLGYPLPSNGDLTPWAQRGVLLLNRVLTVRPSNPASHRGKGWEAVT
ECAIRALAARAAPLVAILWGRDASTLKPMLAAGNCVAIESPHPSPLSASRGFFGSRPFSRANELLVGMGAEPIDWRLP
;
_entity_poly.pdbx_strand_id   A
#
loop_
_chem_comp.id
_chem_comp.type
_chem_comp.name
_chem_comp.formula
OG6 non-polymer 6-[bis(oxidanyl)methyl]-5~{H}-pyrimidine-2,4-dione 'C5 H6 N2 O4'
#
# COMPACT_ATOMS: atom_id res chain seq x y z
N MET A 12 -12.93 6.38 4.60
CA MET A 12 -14.02 5.55 5.17
C MET A 12 -15.37 6.14 4.74
N THR A 13 -16.45 5.74 5.43
CA THR A 13 -17.86 6.10 5.12
C THR A 13 -18.79 5.64 6.25
N ALA A 14 -20.13 5.73 6.02
CA ALA A 14 -21.24 5.56 7.00
C ALA A 14 -21.81 4.13 6.99
N ARG A 15 -21.45 3.30 6.00
CA ARG A 15 -21.79 1.85 5.94
C ARG A 15 -20.97 1.10 6.98
N PRO A 16 -21.37 -0.13 7.38
CA PRO A 16 -20.57 -0.96 8.30
C PRO A 16 -19.43 -1.70 7.57
N LEU A 17 -18.39 -2.09 8.30
CA LEU A 17 -17.11 -2.57 7.70
C LEU A 17 -17.37 -3.62 6.63
N SER A 18 -18.30 -4.56 6.83
CA SER A 18 -18.66 -5.59 5.82
C SER A 18 -19.08 -4.94 4.48
N GLU A 19 -19.70 -3.74 4.52
CA GLU A 19 -20.17 -3.00 3.32
C GLU A 19 -19.06 -2.18 2.65
N LEU A 20 -17.92 -1.91 3.33
CA LEU A 20 -16.89 -0.94 2.87
C LEU A 20 -15.72 -1.64 2.20
N VAL A 21 -15.43 -2.89 2.58
CA VAL A 21 -14.19 -3.65 2.25
C VAL A 21 -14.54 -5.14 2.09
N GLU A 22 -13.61 -5.90 1.49
CA GLU A 22 -13.79 -7.34 1.17
C GLU A 22 -13.96 -8.15 2.46
N ARG A 23 -14.61 -9.32 2.37
CA ARG A 23 -15.02 -10.23 3.49
C ARG A 23 -13.84 -10.46 4.44
N GLY A 24 -12.79 -11.11 3.97
CA GLY A 24 -11.57 -11.35 4.74
C GLY A 24 -11.16 -10.12 5.50
N TRP A 25 -11.13 -8.96 4.83
CA TRP A 25 -10.63 -7.67 5.42
C TRP A 25 -11.59 -7.20 6.51
N ALA A 26 -12.89 -7.37 6.32
CA ALA A 26 -13.93 -6.99 7.32
C ALA A 26 -13.62 -7.71 8.63
N ALA A 27 -13.33 -9.00 8.53
CA ALA A 27 -13.07 -9.89 9.69
C ALA A 27 -11.74 -9.47 10.33
N ALA A 28 -10.72 -9.29 9.49
CA ALA A 28 -9.34 -8.93 9.90
C ALA A 28 -9.33 -7.55 10.57
N LEU A 29 -10.11 -6.59 10.08
CA LEU A 29 -10.08 -5.20 10.60
C LEU A 29 -11.18 -5.03 11.66
N GLU A 30 -11.84 -6.11 12.04
CA GLU A 30 -12.94 -6.07 13.04
C GLU A 30 -12.48 -5.30 14.28
N PRO A 31 -11.31 -5.63 14.87
CA PRO A 31 -10.86 -4.94 16.08
C PRO A 31 -10.70 -3.41 15.96
N VAL A 32 -10.66 -2.86 14.74
CA VAL A 32 -10.53 -1.38 14.54
C VAL A 32 -11.74 -0.86 13.79
N ALA A 33 -12.89 -1.53 13.94
CA ALA A 33 -14.19 -1.10 13.35
C ALA A 33 -14.51 0.33 13.80
N ASP A 34 -14.44 0.60 15.09
CA ASP A 34 -14.69 1.94 15.71
C ASP A 34 -13.72 2.97 15.11
N GLN A 35 -12.42 2.68 15.06
CA GLN A 35 -11.41 3.65 14.55
C GLN A 35 -11.73 3.98 13.10
N VAL A 36 -12.09 3.00 12.28
CA VAL A 36 -12.51 3.23 10.87
C VAL A 36 -13.70 4.20 10.85
N ALA A 37 -14.70 3.95 11.72
CA ALA A 37 -15.88 4.83 11.89
C ALA A 37 -15.41 6.23 12.27
N HIS A 38 -14.48 6.34 13.24
CA HIS A 38 -13.90 7.65 13.64
C HIS A 38 -13.27 8.33 12.40
N MET A 39 -12.61 7.61 11.51
CA MET A 39 -11.85 8.29 10.41
C MET A 39 -12.86 8.85 9.39
N GLY A 40 -13.92 8.10 9.17
CA GLY A 40 -15.09 8.55 8.38
C GLY A 40 -15.66 9.82 8.96
N GLN A 41 -15.84 9.89 10.27
CA GLN A 41 -16.31 11.12 10.98
C GLN A 41 -15.24 12.23 10.85
N PHE A 42 -13.97 11.88 10.89
CA PHE A 42 -12.85 12.86 10.75
C PHE A 42 -12.91 13.51 9.35
N LEU A 43 -13.07 12.70 8.31
CA LEU A 43 -13.13 13.15 6.90
C LEU A 43 -14.37 14.05 6.69
N ARG A 44 -15.53 13.70 7.26
CA ARG A 44 -16.74 14.53 7.17
C ARG A 44 -16.43 15.90 7.78
N ALA A 45 -15.76 15.92 8.94
CA ALA A 45 -15.55 17.16 9.71
C ALA A 45 -14.46 18.00 9.01
N GLU A 46 -13.62 17.39 8.19
CA GLU A 46 -12.65 18.17 7.38
C GLU A 46 -13.45 18.99 6.34
N ILE A 47 -14.40 18.34 5.64
CA ILE A 47 -15.24 19.03 4.62
C ILE A 47 -16.01 20.16 5.29
N ALA A 48 -16.60 19.89 6.44
CA ALA A 48 -17.25 20.90 7.31
C ALA A 48 -16.30 22.06 7.65
N ALA A 49 -15.02 21.78 7.97
CA ALA A 49 -14.04 22.81 8.35
C ALA A 49 -13.50 23.56 7.13
N GLY A 50 -13.93 23.22 5.91
CA GLY A 50 -13.49 23.92 4.68
C GLY A 50 -12.15 23.40 4.14
N ARG A 51 -11.69 22.25 4.62
CA ARG A 51 -10.46 21.58 4.11
C ARG A 51 -10.91 20.40 3.25
N ARG A 52 -10.04 19.95 2.36
CA ARG A 52 -10.29 18.84 1.42
C ARG A 52 -9.42 17.65 1.82
N TYR A 53 -9.70 16.49 1.22
CA TYR A 53 -8.86 15.29 1.34
C TYR A 53 -8.77 14.56 0.00
N LEU A 54 -7.65 13.85 -0.17
CA LEU A 54 -7.36 12.85 -1.22
C LEU A 54 -6.97 11.56 -0.51
N PRO A 55 -7.17 10.36 -1.13
CA PRO A 55 -7.86 10.25 -2.41
C PRO A 55 -9.36 10.50 -2.23
N ALA A 56 -10.17 10.26 -3.29
CA ALA A 56 -11.65 10.35 -3.24
C ALA A 56 -12.16 9.36 -2.17
N GLY A 57 -13.23 9.73 -1.47
CA GLY A 57 -13.78 8.92 -0.37
C GLY A 57 -13.86 7.46 -0.76
N SER A 58 -14.34 7.18 -1.98
CA SER A 58 -14.65 5.80 -2.45
C SER A 58 -13.37 5.01 -2.68
N ASN A 59 -12.19 5.66 -2.66
CA ASN A 59 -10.87 5.04 -2.94
C ASN A 59 -10.05 4.87 -1.65
N VAL A 60 -10.43 5.53 -0.55
CA VAL A 60 -9.59 5.61 0.68
C VAL A 60 -9.23 4.19 1.13
N LEU A 61 -10.20 3.29 1.25
CA LEU A 61 -9.95 1.90 1.70
C LEU A 61 -9.79 0.97 0.50
N ARG A 62 -9.39 1.48 -0.67
CA ARG A 62 -9.40 0.67 -1.90
C ARG A 62 -8.51 -0.57 -1.76
N ALA A 63 -7.39 -0.45 -1.04
CA ALA A 63 -6.42 -1.55 -0.85
C ALA A 63 -7.10 -2.74 -0.16
N PHE A 64 -8.05 -2.46 0.73
CA PHE A 64 -8.82 -3.50 1.45
C PHE A 64 -9.99 -4.04 0.59
N THR A 65 -10.06 -3.81 -0.73
CA THR A 65 -11.15 -4.35 -1.60
C THR A 65 -10.68 -5.55 -2.43
N PHE A 66 -9.40 -5.92 -2.34
CA PHE A 66 -8.80 -7.14 -2.94
C PHE A 66 -8.71 -8.15 -1.80
N PRO A 67 -8.98 -9.44 -2.07
CA PRO A 67 -9.01 -10.48 -1.03
C PRO A 67 -7.82 -10.57 -0.05
N PHE A 68 -8.12 -10.49 1.25
CA PHE A 68 -7.13 -10.57 2.35
C PHE A 68 -6.42 -11.92 2.31
N ASP A 69 -7.15 -13.02 2.01
CA ASP A 69 -6.58 -14.40 1.98
C ASP A 69 -5.57 -14.53 0.83
N ASN A 70 -5.67 -13.71 -0.23
CA ASN A 70 -4.87 -13.90 -1.47
C ASN A 70 -3.58 -13.08 -1.41
N VAL A 71 -3.43 -12.19 -0.44
CA VAL A 71 -2.30 -11.23 -0.45
C VAL A 71 -1.02 -12.05 -0.25
N ARG A 72 -0.02 -11.94 -1.13
CA ARG A 72 1.26 -12.68 -1.01
C ARG A 72 2.38 -11.69 -0.70
N VAL A 73 2.25 -10.46 -1.18
CA VAL A 73 3.28 -9.38 -1.03
C VAL A 73 2.62 -8.15 -0.39
N LEU A 74 3.33 -7.52 0.55
CA LEU A 74 2.92 -6.23 1.12
C LEU A 74 3.95 -5.19 0.67
N ILE A 75 3.48 -4.11 0.09
CA ILE A 75 4.34 -2.94 -0.23
C ILE A 75 3.85 -1.79 0.62
N VAL A 76 4.69 -1.25 1.47
CA VAL A 76 4.24 -0.25 2.48
C VAL A 76 4.81 1.10 2.07
N GLY A 77 3.95 2.12 1.99
CA GLY A 77 4.32 3.54 1.85
C GLY A 77 3.87 4.33 3.06
N GLN A 78 3.99 5.64 3.02
CA GLN A 78 3.73 6.43 4.26
C GLN A 78 2.38 7.15 4.07
N ASP A 79 2.35 8.09 3.15
CA ASP A 79 1.19 8.97 2.89
C ASP A 79 0.88 8.91 1.41
N PRO A 80 -0.40 9.11 1.01
CA PRO A 80 -0.75 9.36 -0.38
C PRO A 80 -0.04 10.56 -1.05
N TYR A 81 -0.02 10.54 -2.38
CA TYR A 81 0.40 11.68 -3.21
C TYR A 81 -0.37 12.93 -2.76
N PRO A 82 0.31 14.05 -2.50
CA PRO A 82 -0.35 15.30 -2.08
C PRO A 82 -0.90 16.15 -3.23
N THR A 83 -0.54 15.81 -4.46
CA THR A 83 -0.96 16.53 -5.70
C THR A 83 -2.33 16.05 -6.16
N PRO A 84 -3.29 16.96 -6.39
CA PRO A 84 -4.61 16.59 -6.91
C PRO A 84 -4.59 15.71 -8.17
N GLY A 85 -5.31 14.59 -8.12
CA GLY A 85 -5.48 13.69 -9.27
C GLY A 85 -4.46 12.57 -9.31
N HIS A 86 -3.49 12.57 -8.38
CA HIS A 86 -2.52 11.47 -8.22
C HIS A 86 -3.10 10.34 -7.35
N ALA A 87 -3.40 10.59 -6.06
CA ALA A 87 -3.77 9.53 -5.07
C ALA A 87 -5.05 8.81 -5.51
N VAL A 88 -5.01 7.48 -5.60
CA VAL A 88 -6.16 6.65 -6.02
C VAL A 88 -6.41 5.52 -5.01
N GLY A 89 -5.73 5.52 -3.85
CA GLY A 89 -6.00 4.60 -2.71
C GLY A 89 -5.21 3.30 -2.77
N LEU A 90 -4.37 3.12 -3.78
CA LEU A 90 -3.31 2.09 -3.80
C LEU A 90 -1.97 2.82 -3.75
N SER A 91 -1.07 2.46 -2.85
CA SER A 91 0.21 3.18 -2.64
C SER A 91 0.97 3.25 -3.97
N PHE A 92 1.44 4.47 -4.32
CA PHE A 92 2.31 4.78 -5.50
C PHE A 92 1.59 4.78 -6.84
N SER A 93 0.42 4.15 -6.95
CA SER A 93 -0.38 4.04 -8.20
C SER A 93 -0.94 5.42 -8.54
N VAL A 94 -1.16 5.67 -9.84
CA VAL A 94 -1.93 6.84 -10.33
C VAL A 94 -2.96 6.34 -11.34
N ALA A 95 -3.98 7.14 -11.67
CA ALA A 95 -5.04 6.77 -12.62
C ALA A 95 -4.41 6.66 -14.01
N PRO A 96 -4.99 5.82 -14.91
CA PRO A 96 -4.39 5.56 -16.22
C PRO A 96 -4.08 6.77 -17.11
N ASP A 97 -4.78 7.90 -16.92
CA ASP A 97 -4.62 9.09 -17.80
C ASP A 97 -3.69 10.13 -17.15
N VAL A 98 -2.94 9.77 -16.09
CA VAL A 98 -2.01 10.72 -15.38
C VAL A 98 -0.66 10.65 -16.10
N ARG A 99 -0.19 11.79 -16.58
CA ARG A 99 1.03 11.99 -17.39
C ARG A 99 1.51 13.40 -17.09
N PRO A 100 2.82 13.61 -16.83
CA PRO A 100 3.77 12.53 -16.63
C PRO A 100 3.56 11.80 -15.29
N TRP A 101 4.15 10.63 -15.12
CA TRP A 101 4.14 9.92 -13.83
C TRP A 101 4.79 10.78 -12.77
N PRO A 102 4.44 10.65 -11.48
CA PRO A 102 5.26 11.21 -10.40
C PRO A 102 6.65 10.58 -10.29
N ARG A 103 7.64 11.34 -9.77
CA ARG A 103 9.08 10.94 -9.65
C ARG A 103 9.16 9.54 -9.01
N SER A 104 8.44 9.34 -7.90
CA SER A 104 8.38 8.06 -7.14
C SER A 104 8.06 6.89 -8.06
N LEU A 105 7.00 7.04 -8.89
CA LEU A 105 6.49 5.95 -9.74
C LEU A 105 7.46 5.75 -10.91
N ALA A 106 7.97 6.84 -11.48
CA ALA A 106 9.00 6.80 -12.52
C ALA A 106 10.21 6.00 -11.99
N ASN A 107 10.66 6.27 -10.77
CA ASN A 107 11.80 5.53 -10.16
C ASN A 107 11.42 4.04 -9.99
N ILE A 108 10.21 3.75 -9.51
CA ILE A 108 9.73 2.35 -9.23
C ILE A 108 9.78 1.58 -10.55
N PHE A 109 9.26 2.20 -11.61
CA PHE A 109 9.18 1.63 -12.97
C PHE A 109 10.58 1.50 -13.60
N ASP A 110 11.53 2.40 -13.33
CA ASP A 110 12.92 2.14 -13.80
C ASP A 110 13.39 0.82 -13.18
N GLU A 111 13.20 0.65 -11.88
CA GLU A 111 13.65 -0.59 -11.19
C GLU A 111 12.93 -1.79 -11.79
N TYR A 112 11.63 -1.67 -12.08
CA TYR A 112 10.79 -2.71 -12.72
C TYR A 112 11.46 -3.20 -14.01
N THR A 113 11.72 -2.28 -14.95
CA THR A 113 12.45 -2.59 -16.22
C THR A 113 13.84 -3.20 -15.90
N ALA A 114 14.65 -2.63 -15.01
CA ALA A 114 16.02 -3.15 -14.74
C ALA A 114 15.95 -4.58 -14.14
N ASP A 115 15.07 -4.78 -13.16
CA ASP A 115 14.90 -6.02 -12.37
C ASP A 115 14.28 -7.10 -13.25
N LEU A 116 13.14 -6.83 -13.90
CA LEU A 116 12.35 -7.91 -14.56
C LEU A 116 12.64 -7.96 -16.06
N GLY A 117 13.28 -6.93 -16.61
CA GLY A 117 13.62 -6.86 -18.04
C GLY A 117 12.45 -6.44 -18.92
N TYR A 118 11.25 -6.29 -18.36
CA TYR A 118 10.04 -5.94 -19.15
C TYR A 118 10.20 -4.50 -19.66
N PRO A 119 9.41 -4.15 -20.72
CA PRO A 119 9.27 -2.77 -21.18
C PRO A 119 8.57 -1.82 -20.20
N LEU A 120 8.80 -0.51 -20.38
CA LEU A 120 8.12 0.54 -19.57
C LEU A 120 6.63 0.28 -19.64
N PRO A 121 5.91 0.28 -18.49
CA PRO A 121 4.45 0.13 -18.52
C PRO A 121 3.84 1.20 -19.42
N SER A 122 2.65 0.93 -19.99
CA SER A 122 1.86 1.89 -20.81
C SER A 122 1.34 3.03 -19.92
N ASN A 123 0.97 2.74 -18.67
CA ASN A 123 0.56 3.84 -17.74
C ASN A 123 0.99 3.50 -16.31
N GLY A 124 0.60 4.34 -15.35
CA GLY A 124 0.89 4.24 -13.91
C GLY A 124 -0.19 3.56 -13.09
N ASP A 125 -1.16 2.89 -13.68
CA ASP A 125 -2.26 2.19 -12.94
C ASP A 125 -1.72 0.86 -12.41
N LEU A 126 -1.67 0.65 -11.09
CA LEU A 126 -1.08 -0.60 -10.49
C LEU A 126 -2.21 -1.57 -10.09
N THR A 127 -3.44 -1.35 -10.54
CA THR A 127 -4.56 -2.29 -10.30
C THR A 127 -4.12 -3.73 -10.54
N PRO A 128 -3.42 -4.05 -11.64
CA PRO A 128 -3.09 -5.45 -11.92
C PRO A 128 -2.28 -6.12 -10.80
N TRP A 129 -1.36 -5.39 -10.16
CA TRP A 129 -0.59 -5.86 -8.97
C TRP A 129 -1.59 -6.15 -7.86
N ALA A 130 -2.53 -5.24 -7.58
CA ALA A 130 -3.53 -5.45 -6.49
C ALA A 130 -4.38 -6.69 -6.79
N GLN A 131 -4.72 -6.93 -8.05
CA GLN A 131 -5.54 -8.11 -8.45
C GLN A 131 -4.78 -9.41 -8.18
N ARG A 132 -3.45 -9.40 -8.28
CA ARG A 132 -2.62 -10.63 -8.16
C ARG A 132 -2.06 -10.75 -6.74
N GLY A 133 -2.52 -9.95 -5.79
CA GLY A 133 -2.29 -10.21 -4.36
C GLY A 133 -1.11 -9.44 -3.80
N VAL A 134 -0.74 -8.37 -4.50
CA VAL A 134 0.14 -7.29 -3.99
C VAL A 134 -0.73 -6.24 -3.32
N LEU A 135 -0.50 -6.05 -2.02
CA LEU A 135 -1.21 -5.08 -1.16
C LEU A 135 -0.35 -3.81 -1.08
N LEU A 136 -0.82 -2.80 -1.79
CA LEU A 136 -0.21 -1.47 -1.88
C LEU A 136 -0.76 -0.61 -0.74
N LEU A 137 -0.25 -0.81 0.46
CA LEU A 137 -0.80 -0.15 1.65
C LEU A 137 0.04 1.08 2.03
N ASN A 138 -0.58 2.25 2.08
CA ASN A 138 0.00 3.43 2.80
C ASN A 138 -0.32 3.35 4.30
N ARG A 139 0.59 3.79 5.18
CA ARG A 139 0.37 3.71 6.65
C ARG A 139 -0.72 4.72 7.07
N VAL A 140 -0.80 5.83 6.33
CA VAL A 140 -1.80 6.93 6.47
C VAL A 140 -2.53 6.98 5.13
N LEU A 141 -3.86 6.84 5.15
CA LEU A 141 -4.68 6.51 3.96
C LEU A 141 -5.26 7.78 3.34
N THR A 142 -5.11 8.95 3.98
CA THR A 142 -5.59 10.25 3.43
C THR A 142 -4.55 11.36 3.65
N VAL A 143 -4.67 12.44 2.87
CA VAL A 143 -3.79 13.64 2.92
C VAL A 143 -4.64 14.86 2.52
N ARG A 144 -4.31 16.01 3.09
CA ARG A 144 -4.89 17.31 2.66
C ARG A 144 -4.12 17.74 1.41
N PRO A 145 -4.79 18.06 0.26
CA PRO A 145 -4.09 18.37 -0.99
C PRO A 145 -3.09 19.49 -0.80
N SER A 146 -1.95 19.35 -1.47
CA SER A 146 -0.86 20.36 -1.55
C SER A 146 -0.13 20.46 -0.19
N ASN A 147 -0.44 19.58 0.74
CA ASN A 147 0.14 19.59 2.11
C ASN A 147 0.61 18.18 2.46
N PRO A 148 1.84 17.81 2.09
CA PRO A 148 2.37 16.46 2.34
C PRO A 148 2.27 16.14 3.84
N ALA A 149 1.94 14.88 4.16
CA ALA A 149 1.96 14.20 5.48
C ALA A 149 0.99 14.90 6.44
N SER A 150 0.01 15.62 5.92
CA SER A 150 -0.90 16.49 6.73
C SER A 150 -1.82 15.65 7.63
N HIS A 151 -2.06 14.37 7.32
CA HIS A 151 -2.97 13.52 8.14
C HIS A 151 -2.19 12.51 8.98
N ARG A 152 -0.89 12.70 9.20
CA ARG A 152 -0.14 11.93 10.22
C ARG A 152 -0.83 12.20 11.57
N GLY A 153 -1.04 11.16 12.38
CA GLY A 153 -1.48 11.29 13.77
C GLY A 153 -2.96 11.56 13.90
N LYS A 154 -3.76 11.29 12.87
CA LYS A 154 -5.22 11.54 12.90
C LYS A 154 -5.99 10.23 13.13
N GLY A 155 -5.31 9.09 13.19
CA GLY A 155 -5.89 7.79 13.57
C GLY A 155 -5.70 6.70 12.53
N TRP A 156 -5.19 6.99 11.34
CA TRP A 156 -5.00 5.94 10.32
C TRP A 156 -4.00 4.90 10.79
N GLU A 157 -2.98 5.31 11.57
CA GLU A 157 -1.79 4.48 11.90
C GLU A 157 -2.27 3.20 12.61
N ALA A 158 -3.25 3.30 13.52
CA ALA A 158 -3.82 2.15 14.28
C ALA A 158 -4.53 1.19 13.30
N VAL A 159 -5.21 1.72 12.28
CA VAL A 159 -5.95 0.90 11.27
C VAL A 159 -4.94 0.06 10.45
N THR A 160 -3.97 0.72 9.81
CA THR A 160 -2.92 0.11 8.96
C THR A 160 -2.03 -0.76 9.83
N GLU A 161 -1.79 -0.43 11.10
CA GLU A 161 -1.06 -1.35 12.01
C GLU A 161 -1.86 -2.66 12.13
N CYS A 162 -3.18 -2.57 12.43
CA CYS A 162 -4.06 -3.76 12.62
C CYS A 162 -4.08 -4.54 11.30
N ALA A 163 -4.24 -3.85 10.17
CA ALA A 163 -4.14 -4.47 8.84
C ALA A 163 -2.86 -5.31 8.77
N ILE A 164 -1.71 -4.70 9.08
CA ILE A 164 -0.37 -5.35 8.91
C ILE A 164 -0.21 -6.52 9.89
N ARG A 165 -0.49 -6.34 11.19
CA ARG A 165 -0.45 -7.44 12.20
C ARG A 165 -1.35 -8.61 11.80
N ALA A 166 -2.55 -8.37 11.28
CA ALA A 166 -3.50 -9.43 10.87
C ALA A 166 -2.93 -10.21 9.67
N LEU A 167 -2.37 -9.47 8.72
CA LEU A 167 -1.74 -10.06 7.50
C LEU A 167 -0.61 -10.99 7.94
N ALA A 168 0.20 -10.58 8.92
CA ALA A 168 1.39 -11.30 9.42
C ALA A 168 0.97 -12.53 10.24
N ALA A 169 -0.18 -12.45 10.92
CA ALA A 169 -0.74 -13.57 11.73
C ALA A 169 -1.36 -14.65 10.82
N ARG A 170 -1.45 -14.48 9.50
CA ARG A 170 -2.01 -15.59 8.67
C ARG A 170 -1.00 -16.74 8.64
N ALA A 171 -1.49 -18.00 8.66
CA ALA A 171 -0.75 -19.22 8.27
C ALA A 171 -0.69 -19.25 6.74
N ALA A 172 0.22 -18.47 6.17
CA ALA A 172 0.29 -18.17 4.74
C ALA A 172 1.56 -17.40 4.49
N PRO A 173 2.22 -17.62 3.34
CA PRO A 173 3.44 -16.85 3.01
C PRO A 173 3.18 -15.33 2.87
N LEU A 174 4.18 -14.52 3.24
CA LEU A 174 4.14 -13.07 2.96
C LEU A 174 5.56 -12.54 2.79
N VAL A 175 5.77 -11.74 1.76
CA VAL A 175 7.01 -10.96 1.58
C VAL A 175 6.68 -9.48 1.78
N ALA A 176 7.48 -8.75 2.53
CA ALA A 176 7.19 -7.33 2.81
C ALA A 176 8.29 -6.48 2.18
N ILE A 177 7.86 -5.48 1.40
CA ILE A 177 8.75 -4.44 0.80
C ILE A 177 8.40 -3.12 1.50
N LEU A 178 9.39 -2.50 2.17
CA LEU A 178 9.17 -1.21 2.88
C LEU A 178 9.68 -0.04 2.03
N TRP A 179 8.77 0.70 1.40
CA TRP A 179 9.11 1.91 0.59
C TRP A 179 8.75 3.20 1.32
N GLY A 180 8.34 3.17 2.60
CA GLY A 180 8.16 4.41 3.40
C GLY A 180 9.02 4.44 4.65
N ARG A 181 10.29 4.03 4.56
CA ARG A 181 11.21 3.91 5.72
C ARG A 181 10.42 3.27 6.89
N ASP A 182 10.62 3.79 8.11
CA ASP A 182 9.83 3.41 9.32
C ASP A 182 10.10 1.93 9.65
N ALA A 183 11.28 1.41 9.33
CA ALA A 183 11.67 -0.01 9.51
C ALA A 183 11.48 -0.41 10.97
N SER A 184 12.03 0.36 11.93
CA SER A 184 12.03 -0.01 13.37
C SER A 184 10.61 0.08 13.95
N THR A 185 9.67 0.71 13.24
CA THR A 185 8.21 0.74 13.56
C THR A 185 7.52 -0.49 12.98
N LEU A 186 7.74 -0.76 11.68
CA LEU A 186 7.07 -1.82 10.90
C LEU A 186 7.59 -3.23 11.23
N LYS A 187 8.88 -3.39 11.56
CA LYS A 187 9.55 -4.73 11.61
C LYS A 187 9.07 -5.54 12.81
N PRO A 188 8.79 -4.92 13.98
CA PRO A 188 8.11 -5.61 15.09
C PRO A 188 6.68 -6.09 14.76
N MET A 189 5.88 -5.30 14.01
CA MET A 189 4.52 -5.68 13.57
C MET A 189 4.58 -6.96 12.70
N LEU A 190 5.67 -7.19 11.95
CA LEU A 190 5.80 -8.27 10.94
C LEU A 190 6.57 -9.45 11.51
N ALA A 191 7.23 -9.28 12.66
CA ALA A 191 8.14 -10.27 13.25
C ALA A 191 7.34 -11.38 13.96
N ALA A 192 6.13 -11.09 14.46
CA ALA A 192 5.26 -12.05 15.17
C ALA A 192 4.56 -12.99 14.17
N GLY A 193 4.82 -12.85 12.87
CA GLY A 193 4.27 -13.73 11.82
C GLY A 193 5.04 -15.04 11.72
N ASN A 194 4.49 -16.01 10.98
CA ASN A 194 5.05 -17.39 10.84
C ASN A 194 5.93 -17.42 9.57
N CYS A 195 5.37 -17.07 8.41
CA CYS A 195 6.01 -17.24 7.07
C CYS A 195 6.18 -15.85 6.42
N VAL A 196 6.77 -14.90 7.15
CA VAL A 196 6.97 -13.50 6.64
C VAL A 196 8.46 -13.28 6.39
N ALA A 197 8.82 -12.99 5.14
CA ALA A 197 10.19 -12.57 4.79
C ALA A 197 10.16 -11.06 4.46
N ILE A 198 11.05 -10.31 5.09
CA ILE A 198 11.15 -8.84 4.94
C ILE A 198 12.37 -8.54 4.07
N GLU A 199 12.14 -7.86 2.96
CA GLU A 199 13.23 -7.32 2.11
C GLU A 199 13.98 -6.24 2.89
N SER A 200 15.27 -6.46 3.08
CA SER A 200 16.25 -5.54 3.68
C SER A 200 17.37 -5.32 2.67
N PRO A 201 18.06 -4.15 2.64
CA PRO A 201 17.66 -2.99 3.43
C PRO A 201 16.41 -2.31 2.84
N HIS A 202 16.15 -1.07 3.22
CA HIS A 202 14.85 -0.38 2.99
C HIS A 202 15.05 0.96 2.29
N PRO A 203 15.71 1.01 1.10
CA PRO A 203 15.66 2.22 0.28
C PRO A 203 14.19 2.48 -0.11
N SER A 204 13.85 3.75 -0.32
CA SER A 204 12.54 4.22 -0.85
C SER A 204 12.77 4.70 -2.28
N PRO A 205 11.74 4.69 -3.15
CA PRO A 205 11.86 5.09 -4.54
C PRO A 205 12.72 6.32 -4.81
N LEU A 206 12.68 7.36 -3.95
CA LEU A 206 13.44 8.63 -4.13
C LEU A 206 14.90 8.50 -3.66
N SER A 207 15.31 7.39 -3.02
CA SER A 207 16.74 7.08 -2.73
C SER A 207 17.43 6.93 -4.08
N ALA A 208 16.70 6.47 -5.09
CA ALA A 208 17.18 6.39 -6.48
C ALA A 208 18.50 5.60 -6.48
N SER A 209 19.57 6.18 -7.04
CA SER A 209 20.88 5.55 -7.32
C SER A 209 21.69 5.41 -6.02
N ARG A 210 21.13 5.88 -4.89
CA ARG A 210 21.76 5.72 -3.56
C ARG A 210 21.07 4.58 -2.80
N GLY A 211 20.65 3.52 -3.48
CA GLY A 211 20.11 2.30 -2.83
C GLY A 211 18.89 1.73 -3.52
N PHE A 212 17.96 2.53 -4.05
CA PHE A 212 16.70 1.99 -4.62
C PHE A 212 17.01 1.19 -5.88
N PHE A 213 17.60 1.80 -6.90
CA PHE A 213 17.91 1.12 -8.18
C PHE A 213 18.86 -0.05 -7.87
N GLY A 214 18.58 -1.19 -8.47
CA GLY A 214 19.31 -2.44 -8.23
C GLY A 214 18.85 -3.17 -6.98
N SER A 215 17.88 -2.65 -6.21
CA SER A 215 17.45 -3.31 -4.95
C SER A 215 16.71 -4.62 -5.27
N ARG A 216 16.30 -4.78 -6.53
CA ARG A 216 15.68 -6.02 -7.12
C ARG A 216 14.50 -6.46 -6.27
N PRO A 217 13.56 -5.57 -5.95
CA PRO A 217 12.50 -5.92 -5.01
C PRO A 217 11.57 -7.01 -5.58
N PHE A 218 11.27 -6.94 -6.88
CA PHE A 218 10.26 -7.81 -7.54
C PHE A 218 10.81 -9.24 -7.65
N SER A 219 12.01 -9.41 -8.20
CA SER A 219 12.60 -10.75 -8.45
C SER A 219 12.86 -11.42 -7.11
N ARG A 220 13.35 -10.63 -6.14
CA ARG A 220 13.67 -11.09 -4.77
C ARG A 220 12.38 -11.57 -4.11
N ALA A 221 11.27 -10.84 -4.28
CA ALA A 221 9.95 -11.23 -3.74
C ALA A 221 9.56 -12.61 -4.29
N ASN A 222 9.78 -12.84 -5.59
CA ASN A 222 9.37 -14.13 -6.22
C ASN A 222 10.28 -15.25 -5.70
N GLU A 223 11.60 -15.02 -5.63
CA GLU A 223 12.54 -16.03 -5.10
C GLU A 223 12.13 -16.39 -3.67
N LEU A 224 11.83 -15.40 -2.84
CA LEU A 224 11.40 -15.65 -1.44
C LEU A 224 10.07 -16.42 -1.45
N LEU A 225 9.05 -15.96 -2.18
CA LEU A 225 7.74 -16.65 -2.29
C LEU A 225 7.95 -18.13 -2.65
N VAL A 226 8.71 -18.37 -3.73
CA VAL A 226 8.97 -19.75 -4.25
C VAL A 226 9.67 -20.59 -3.17
N GLY A 227 10.64 -20.00 -2.47
CA GLY A 227 11.33 -20.62 -1.32
C GLY A 227 10.35 -20.95 -0.19
N MET A 228 9.25 -20.23 -0.05
CA MET A 228 8.26 -20.52 1.03
C MET A 228 7.13 -21.43 0.51
N GLY A 229 7.27 -21.96 -0.70
CA GLY A 229 6.35 -22.96 -1.26
C GLY A 229 5.14 -22.36 -1.97
N ALA A 230 5.20 -21.06 -2.29
CA ALA A 230 4.08 -20.29 -2.88
C ALA A 230 4.35 -20.02 -4.36
N GLU A 231 3.30 -19.67 -5.10
CA GLU A 231 3.41 -19.16 -6.48
C GLU A 231 4.04 -17.77 -6.46
N PRO A 232 4.90 -17.48 -7.44
CA PRO A 232 5.42 -16.12 -7.63
C PRO A 232 4.34 -15.13 -8.10
N ILE A 233 4.62 -13.84 -7.98
CA ILE A 233 3.75 -12.75 -8.53
C ILE A 233 4.12 -12.58 -10.01
N ASP A 234 3.10 -12.54 -10.87
CA ASP A 234 3.28 -12.04 -12.26
C ASP A 234 3.26 -10.51 -12.23
N TRP A 235 4.43 -9.87 -12.22
CA TRP A 235 4.58 -8.41 -12.05
C TRP A 235 4.21 -7.66 -13.34
N ARG A 236 4.12 -8.36 -14.48
CA ARG A 236 4.02 -7.75 -15.83
C ARG A 236 2.79 -6.84 -15.91
N LEU A 237 3.01 -5.54 -16.11
CA LEU A 237 1.90 -4.59 -16.36
C LEU A 237 1.74 -4.39 -17.87
N PRO A 238 0.51 -4.03 -18.32
CA PRO A 238 0.24 -3.80 -19.74
C PRO A 238 1.00 -2.58 -20.32
O2 OG6 B . 5.42 10.45 -2.25
C10 OG6 B . 4.77 9.68 -2.94
C06 OG6 B . 4.22 8.51 -2.23
C07 OG6 B . 3.01 7.97 -2.66
C09 OG6 B . 2.41 6.95 -1.92
O02 OG6 B . 1.32 6.46 -2.31
N05 OG6 B . 3.03 6.52 -0.81
C08 OG6 B . 4.21 7.09 -0.41
O01 OG6 B . 4.78 6.70 0.63
N04 OG6 B . 4.79 8.08 -1.08
#